data_2D3Y
#
_entry.id   2D3Y
#
_cell.length_a   48.180
_cell.length_b   62.350
_cell.length_c   63.040
_cell.angle_alpha   90.00
_cell.angle_beta   90.00
_cell.angle_gamma   90.00
#
_symmetry.space_group_name_H-M   'P 21 21 21'
#
loop_
_entity.id
_entity.type
_entity.pdbx_description
1 polymer 'uracil-DNA glycosylase'
2 non-polymer 'ACETATE ION'
3 non-polymer 'IRON/SULFUR CLUSTER'
4 non-polymer "2'-DEOXYURIDINE-5'-MONOPHOSPHATE"
5 water water
#
_entity_poly.entity_id   1
_entity_poly.type   'polypeptide(L)'
_entity_poly.pdbx_seq_one_letter_code
;MDREAFVQTLTACRLCPRLVAWREEVVGRKRAFRGEPYWARPVPGFGDPEARILLFGLAPGAHGSNRTGRPFTGDASGAF
LYPLLHEAGLSSKPESLPGDDLRLYGVYLTAAVRCAPPKNKPTPEELRACARWTEVELGLLPEVRVYVALGRIALEALLA
HFGLRKSAHPFRHGAHYPLPGGRHLLASYHVSRQNTQTGRLTREMFLEVLMEAKRLAGL
;
_entity_poly.pdbx_strand_id   A
#
loop_
_chem_comp.id
_chem_comp.type
_chem_comp.name
_chem_comp.formula
ACT non-polymer 'ACETATE ION' 'C2 H3 O2 -1'
DU DNA linking 2'-DEOXYURIDINE-5'-MONOPHOSPHATE 'C9 H13 N2 O8 P'
SF4 non-polymer 'IRON/SULFUR CLUSTER' 'Fe4 S4'
#
# COMPACT_ATOMS: atom_id res chain seq x y z
N MET A 1 -11.41 16.96 5.83
CA MET A 1 -10.09 17.66 5.83
C MET A 1 -9.39 17.45 4.48
N ASP A 2 -8.44 18.33 4.17
CA ASP A 2 -7.71 18.22 2.91
C ASP A 2 -6.46 17.35 3.10
N ARG A 3 -5.69 17.16 2.02
CA ARG A 3 -4.51 16.31 2.12
C ARG A 3 -3.48 16.79 3.16
N GLU A 4 -3.20 18.08 3.17
CA GLU A 4 -2.23 18.64 4.11
C GLU A 4 -2.61 18.31 5.55
N ALA A 5 -3.89 18.49 5.88
CA ALA A 5 -4.37 18.21 7.23
C ALA A 5 -4.30 16.72 7.53
N PHE A 6 -4.67 15.90 6.55
CA PHE A 6 -4.64 14.45 6.69
C PHE A 6 -3.22 14.01 7.06
N VAL A 7 -2.24 14.45 6.29
CA VAL A 7 -0.85 14.06 6.55
C VAL A 7 -0.38 14.51 7.93
N GLN A 8 -0.73 15.74 8.31
CA GLN A 8 -0.30 16.26 9.60
C GLN A 8 -0.89 15.49 10.78
N THR A 9 -2.18 15.18 10.72
CA THR A 9 -2.81 14.46 11.82
C THR A 9 -2.49 12.97 11.79
N LEU A 10 -2.40 12.39 10.60
CA LEU A 10 -2.06 10.96 10.51
C LEU A 10 -0.68 10.71 11.10
N THR A 11 0.28 11.55 10.75
CA THR A 11 1.64 11.35 11.25
C THR A 11 1.80 11.54 12.75
N ALA A 12 0.77 12.09 13.40
CA ALA A 12 0.80 12.30 14.85
C ALA A 12 0.10 11.15 15.59
N CYS A 13 -0.55 10.27 14.83
CA CYS A 13 -1.30 9.17 15.43
C CYS A 13 -0.47 8.24 16.32
N ARG A 14 -1.04 7.89 17.48
CA ARG A 14 -0.39 7.02 18.45
C ARG A 14 -1.42 6.05 19.06
N LEU A 15 -2.38 5.63 18.25
CA LEU A 15 -3.45 4.74 18.72
C LEU A 15 -3.06 3.31 19.07
N CYS A 16 -2.14 2.73 18.32
CA CYS A 16 -1.73 1.34 18.54
C CYS A 16 -0.45 1.24 19.37
N PRO A 17 -0.58 0.87 20.66
CA PRO A 17 0.60 0.76 21.52
C PRO A 17 1.76 -0.08 21.00
N ARG A 18 1.46 -1.26 20.47
CA ARG A 18 2.53 -2.11 19.96
C ARG A 18 3.26 -1.46 18.80
N LEU A 19 2.52 -0.80 17.92
CA LEU A 19 3.11 -0.19 16.74
C LEU A 19 3.84 1.14 17.00
N VAL A 20 3.35 1.92 17.96
CA VAL A 20 4.01 3.17 18.29
C VAL A 20 5.38 2.82 18.84
N ALA A 21 5.43 1.76 19.63
CA ALA A 21 6.68 1.31 20.21
C ALA A 21 7.61 0.69 19.16
N TRP A 22 7.07 -0.21 18.35
CA TRP A 22 7.87 -0.89 17.33
C TRP A 22 8.42 0.01 16.23
N ARG A 23 7.61 0.95 15.73
CA ARG A 23 8.09 1.81 14.66
C ARG A 23 9.34 2.58 15.07
N GLU A 24 9.48 2.83 16.37
CA GLU A 24 10.65 3.54 16.87
C GLU A 24 11.74 2.56 17.33
N GLU A 25 11.32 1.45 17.92
CA GLU A 25 12.26 0.44 18.41
C GLU A 25 13.17 -0.15 17.33
N VAL A 26 12.64 -0.31 16.12
CA VAL A 26 13.41 -0.89 15.03
C VAL A 26 14.49 0.03 14.47
N VAL A 27 14.38 1.33 14.76
CA VAL A 27 15.37 2.28 14.25
C VAL A 27 16.76 1.90 14.75
N GLY A 28 17.64 1.58 13.81
CA GLY A 28 19.00 1.20 14.16
C GLY A 28 19.20 -0.29 14.37
N ARG A 29 18.09 -1.03 14.43
CA ARG A 29 18.14 -2.48 14.64
C ARG A 29 18.87 -3.18 13.48
N LYS A 30 18.71 -2.65 12.28
CA LYS A 30 19.38 -3.21 11.11
C LYS A 30 20.66 -2.42 10.89
N ARG A 31 21.80 -3.02 11.22
CA ARG A 31 23.09 -2.35 11.08
C ARG A 31 23.32 -1.75 9.70
N ALA A 32 22.86 -2.43 8.66
CA ALA A 32 23.04 -1.96 7.30
C ALA A 32 22.56 -0.53 7.09
N PHE A 33 21.53 -0.14 7.85
CA PHE A 33 20.97 1.20 7.74
C PHE A 33 21.12 2.03 9.00
N ARG A 34 21.84 1.50 9.98
CA ARG A 34 22.05 2.23 11.23
C ARG A 34 22.79 3.52 10.94
N GLY A 35 22.25 4.63 11.45
CA GLY A 35 22.86 5.93 11.21
C GLY A 35 22.04 6.71 10.20
N GLU A 36 21.25 5.99 9.42
CA GLU A 36 20.38 6.59 8.41
C GLU A 36 19.15 7.19 9.08
N PRO A 37 18.58 8.25 8.49
CA PRO A 37 17.40 8.85 9.09
C PRO A 37 16.20 7.94 8.92
N TYR A 38 15.40 7.80 9.99
CA TYR A 38 14.21 6.96 9.95
C TYR A 38 12.97 7.79 10.14
N TRP A 39 11.96 7.53 9.33
CA TRP A 39 10.68 8.22 9.41
C TRP A 39 10.08 7.86 10.77
N ALA A 40 10.06 6.56 11.07
CA ALA A 40 9.55 6.05 12.34
C ALA A 40 8.26 6.69 12.81
N ARG A 41 7.31 6.76 11.88
CA ARG A 41 6.00 7.35 12.14
C ARG A 41 5.00 6.76 11.14
N PRO A 42 3.70 7.07 11.30
CA PRO A 42 2.70 6.53 10.37
C PRO A 42 3.07 6.98 8.96
N VAL A 43 2.90 6.08 7.99
CA VAL A 43 3.26 6.37 6.60
C VAL A 43 2.10 6.89 5.73
N PRO A 44 2.22 8.13 5.23
CA PRO A 44 1.17 8.70 4.38
C PRO A 44 1.25 8.06 3.00
N GLY A 45 0.12 7.98 2.30
CA GLY A 45 0.10 7.42 0.97
C GLY A 45 0.92 8.27 0.02
N PHE A 46 1.27 7.71 -1.13
CA PHE A 46 2.08 8.40 -2.12
C PHE A 46 1.56 8.21 -3.53
N GLY A 47 1.55 9.29 -4.31
CA GLY A 47 1.10 9.16 -5.68
C GLY A 47 0.29 10.32 -6.23
N ASP A 48 -0.48 10.01 -7.27
CA ASP A 48 -1.32 10.97 -7.96
C ASP A 48 -2.54 11.29 -7.10
N PRO A 49 -2.70 12.55 -6.70
CA PRO A 49 -3.85 12.95 -5.87
C PRO A 49 -5.17 12.87 -6.65
N GLU A 50 -5.06 12.63 -7.96
CA GLU A 50 -6.23 12.49 -8.83
C GLU A 50 -6.21 11.09 -9.45
N ALA A 51 -5.62 10.15 -8.72
CA ALA A 51 -5.49 8.78 -9.17
C ALA A 51 -6.79 8.07 -9.55
N ARG A 52 -6.69 7.20 -10.54
CA ARG A 52 -7.82 6.40 -11.00
C ARG A 52 -7.60 4.96 -10.51
N ILE A 53 -6.36 4.68 -10.09
CA ILE A 53 -5.97 3.36 -9.60
C ILE A 53 -5.32 3.48 -8.22
N LEU A 54 -5.73 2.63 -7.30
CA LEU A 54 -5.19 2.63 -5.95
C LEU A 54 -4.65 1.24 -5.61
N LEU A 55 -3.36 1.17 -5.25
CA LEU A 55 -2.74 -0.08 -4.86
C LEU A 55 -2.77 -0.05 -3.33
N PHE A 56 -3.37 -1.09 -2.75
CA PHE A 56 -3.54 -1.18 -1.30
C PHE A 56 -2.74 -2.32 -0.68
N GLY A 57 -1.66 -1.96 0.02
CA GLY A 57 -0.82 -2.96 0.66
C GLY A 57 -1.29 -3.31 2.06
N LEU A 58 -0.47 -4.06 2.79
CA LEU A 58 -0.80 -4.47 4.15
C LEU A 58 -0.31 -3.51 5.23
N ALA A 59 1.01 -3.36 5.33
CA ALA A 59 1.59 -2.48 6.33
C ALA A 59 3.05 -2.16 6.00
N PRO A 60 3.59 -1.06 6.55
CA PRO A 60 4.98 -0.68 6.29
C PRO A 60 6.00 -1.70 6.75
N GLY A 61 7.11 -1.77 6.04
CA GLY A 61 8.19 -2.66 6.44
C GLY A 61 9.03 -1.87 7.42
N ALA A 62 9.54 -2.53 8.46
CA ALA A 62 10.35 -1.86 9.48
C ALA A 62 11.50 -1.05 8.91
N HIS A 63 12.13 -1.57 7.86
CA HIS A 63 13.27 -0.88 7.26
C HIS A 63 12.98 -0.45 5.83
N GLY A 64 11.69 -0.41 5.52
CA GLY A 64 11.23 0.03 4.22
C GLY A 64 10.63 1.40 4.38
N SER A 65 9.30 1.51 4.22
CA SER A 65 8.65 2.80 4.35
C SER A 65 8.76 3.37 5.76
N ASN A 66 8.94 2.52 6.77
CA ASN A 66 9.10 3.04 8.12
C ASN A 66 10.43 3.79 8.20
N ARG A 67 11.35 3.47 7.28
CA ARG A 67 12.63 4.15 7.24
C ARG A 67 12.60 5.35 6.30
N THR A 68 12.19 5.10 5.06
CA THR A 68 12.14 6.11 4.01
C THR A 68 10.99 7.10 4.03
N GLY A 69 9.86 6.69 4.60
CA GLY A 69 8.71 7.58 4.67
C GLY A 69 7.79 7.53 3.45
N ARG A 70 8.08 6.63 2.52
CA ARG A 70 7.26 6.47 1.31
C ARG A 70 6.89 5.01 1.13
N PRO A 71 5.60 4.72 0.89
CA PRO A 71 5.12 3.35 0.70
C PRO A 71 6.03 2.44 -0.12
N PHE A 72 6.27 1.24 0.38
CA PHE A 72 7.07 0.20 -0.27
C PHE A 72 8.52 0.56 -0.57
N THR A 73 8.90 1.79 -0.26
CA THR A 73 10.24 2.26 -0.57
C THR A 73 11.34 1.89 0.41
N GLY A 74 12.38 1.24 -0.10
CA GLY A 74 13.50 0.86 0.75
C GLY A 74 13.63 -0.62 1.06
N ASP A 75 12.65 -1.42 0.67
CA ASP A 75 12.73 -2.86 0.93
C ASP A 75 12.39 -3.68 -0.31
N ALA A 76 12.37 -5.00 -0.12
CA ALA A 76 12.09 -5.93 -1.21
C ALA A 76 10.78 -5.68 -1.96
N SER A 77 9.75 -5.22 -1.26
CA SER A 77 8.47 -4.98 -1.91
C SER A 77 8.60 -3.89 -2.99
N GLY A 78 9.22 -2.78 -2.63
CA GLY A 78 9.39 -1.70 -3.60
C GLY A 78 10.33 -2.06 -4.73
N ALA A 79 11.32 -2.89 -4.44
CA ALA A 79 12.28 -3.31 -5.45
C ALA A 79 11.57 -4.12 -6.54
N PHE A 80 10.47 -4.74 -6.14
CA PHE A 80 9.68 -5.54 -7.07
C PHE A 80 8.59 -4.69 -7.72
N LEU A 81 7.86 -3.96 -6.90
CA LEU A 81 6.76 -3.14 -7.35
C LEU A 81 7.06 -1.93 -8.24
N TYR A 82 7.95 -1.06 -7.81
CA TYR A 82 8.24 0.14 -8.60
C TYR A 82 8.72 -0.11 -10.03
N PRO A 83 9.60 -1.10 -10.25
CA PRO A 83 10.02 -1.31 -11.63
C PRO A 83 8.87 -1.79 -12.52
N LEU A 84 7.95 -2.54 -11.94
CA LEU A 84 6.80 -3.05 -12.70
C LEU A 84 5.81 -1.93 -12.99
N LEU A 85 5.66 -0.99 -12.07
CA LEU A 85 4.77 0.14 -12.30
C LEU A 85 5.28 0.89 -13.52
N HIS A 86 6.60 1.04 -13.61
CA HIS A 86 7.18 1.75 -14.74
C HIS A 86 6.98 0.98 -16.04
N GLU A 87 7.21 -0.32 -16.00
CA GLU A 87 7.05 -1.14 -17.19
C GLU A 87 5.61 -1.10 -17.69
N ALA A 88 4.67 -0.97 -16.75
CA ALA A 88 3.25 -0.91 -17.10
C ALA A 88 2.84 0.46 -17.62
N GLY A 89 3.77 1.41 -17.60
CA GLY A 89 3.48 2.74 -18.09
C GLY A 89 2.75 3.59 -17.06
N LEU A 90 2.98 3.31 -15.79
CA LEU A 90 2.31 4.04 -14.72
C LEU A 90 3.20 4.91 -13.85
N SER A 91 4.47 5.08 -14.24
CA SER A 91 5.39 5.90 -13.46
C SER A 91 6.51 6.50 -14.30
N SER A 92 7.15 7.54 -13.77
CA SER A 92 8.22 8.24 -14.46
C SER A 92 9.57 7.53 -14.52
N LYS A 93 9.83 6.65 -13.57
CA LYS A 93 11.09 5.90 -13.57
C LYS A 93 10.94 4.62 -12.75
N PRO A 94 11.80 3.63 -13.01
CA PRO A 94 11.80 2.32 -12.35
C PRO A 94 12.05 2.28 -10.84
N GLU A 95 12.93 3.16 -10.35
CA GLU A 95 13.28 3.18 -8.94
C GLU A 95 12.55 4.22 -8.10
N SER A 96 12.44 3.94 -6.82
CA SER A 96 11.81 4.86 -5.88
C SER A 96 12.77 5.08 -4.72
N LEU A 97 13.15 6.34 -4.52
CA LEU A 97 14.06 6.73 -3.45
C LEU A 97 13.49 7.99 -2.81
N PRO A 98 13.59 8.08 -1.47
CA PRO A 98 13.07 9.28 -0.82
C PRO A 98 13.77 10.53 -1.33
N GLY A 99 13.00 11.57 -1.60
CA GLY A 99 13.58 12.81 -2.10
C GLY A 99 13.79 12.87 -3.60
N ASP A 100 13.43 11.80 -4.32
CA ASP A 100 13.61 11.80 -5.77
C ASP A 100 12.42 12.46 -6.47
N ASP A 101 12.48 12.53 -7.79
CA ASP A 101 11.42 13.14 -8.58
C ASP A 101 10.46 12.13 -9.18
N LEU A 102 10.31 10.99 -8.53
CA LEU A 102 9.40 9.95 -9.04
C LEU A 102 7.96 10.43 -9.02
N ARG A 103 7.25 10.19 -10.11
CA ARG A 103 5.84 10.55 -10.15
C ARG A 103 5.05 9.40 -10.75
N LEU A 104 3.88 9.15 -10.19
CA LEU A 104 3.01 8.08 -10.66
C LEU A 104 1.92 8.68 -11.53
N TYR A 105 1.56 7.97 -12.60
CA TYR A 105 0.54 8.45 -13.52
C TYR A 105 -0.83 7.85 -13.22
N GLY A 106 -1.64 8.59 -12.48
CA GLY A 106 -2.99 8.14 -12.14
C GLY A 106 -3.05 6.99 -11.16
N VAL A 107 -1.98 6.82 -10.37
CA VAL A 107 -1.89 5.75 -9.38
C VAL A 107 -1.52 6.31 -8.02
N TYR A 108 -2.10 5.73 -6.97
CA TYR A 108 -1.83 6.15 -5.60
C TYR A 108 -1.54 4.90 -4.79
N LEU A 109 -0.54 4.96 -3.92
CA LEU A 109 -0.12 3.83 -3.10
C LEU A 109 -0.29 4.04 -1.60
N THR A 110 -0.89 3.07 -0.92
CA THR A 110 -1.04 3.14 0.53
C THR A 110 -1.27 1.73 1.08
N ALA A 111 -1.71 1.62 2.32
CA ALA A 111 -1.92 0.30 2.93
C ALA A 111 -2.98 0.34 4.02
N ALA A 112 -3.43 -0.84 4.42
CA ALA A 112 -4.46 -0.98 5.46
C ALA A 112 -4.01 -0.49 6.82
N VAL A 113 -2.74 -0.73 7.14
CA VAL A 113 -2.15 -0.32 8.41
C VAL A 113 -1.00 0.60 8.02
N ARG A 114 -0.82 1.68 8.76
CA ARG A 114 0.20 2.66 8.40
C ARG A 114 1.45 2.74 9.26
N CYS A 115 1.57 1.83 10.21
CA CYS A 115 2.74 1.76 11.07
C CYS A 115 3.31 0.36 10.99
N ALA A 116 4.63 0.26 10.94
CA ALA A 116 5.32 -1.01 10.82
C ALA A 116 5.02 -1.98 11.97
N PRO A 117 4.45 -3.16 11.65
CA PRO A 117 4.15 -4.14 12.69
C PRO A 117 5.17 -5.28 12.72
N PRO A 118 5.38 -5.88 13.89
CA PRO A 118 6.33 -6.99 13.99
C PRO A 118 5.94 -8.09 13.01
N LYS A 119 6.94 -8.72 12.41
CA LYS A 119 6.71 -9.80 11.46
C LYS A 119 5.83 -9.39 10.27
N ASN A 120 5.67 -8.08 10.09
CA ASN A 120 4.85 -7.52 9.02
C ASN A 120 3.43 -8.06 9.14
N LYS A 121 3.02 -8.33 10.38
CA LYS A 121 1.68 -8.87 10.64
C LYS A 121 0.92 -8.07 11.70
N PRO A 122 0.05 -7.15 11.27
CA PRO A 122 -0.74 -6.35 12.21
C PRO A 122 -1.83 -7.23 12.80
N THR A 123 -2.35 -6.84 13.97
CA THR A 123 -3.40 -7.61 14.61
C THR A 123 -4.76 -7.11 14.13
N PRO A 124 -5.83 -7.88 14.38
CA PRO A 124 -7.15 -7.43 13.94
C PRO A 124 -7.49 -6.09 14.57
N GLU A 125 -7.07 -5.91 15.83
CA GLU A 125 -7.33 -4.66 16.55
C GLU A 125 -6.62 -3.48 15.89
N GLU A 126 -5.39 -3.69 15.46
CA GLU A 126 -4.64 -2.63 14.79
C GLU A 126 -5.29 -2.32 13.45
N LEU A 127 -5.71 -3.36 12.73
CA LEU A 127 -6.38 -3.17 11.46
C LEU A 127 -7.68 -2.39 11.64
N ARG A 128 -8.43 -2.69 12.69
CA ARG A 128 -9.67 -1.98 12.94
C ARG A 128 -9.41 -0.53 13.29
N ALA A 129 -8.30 -0.29 13.97
CA ALA A 129 -7.94 1.07 14.36
C ALA A 129 -7.55 1.94 13.17
N CYS A 130 -6.68 1.43 12.31
CA CYS A 130 -6.22 2.21 11.17
C CYS A 130 -7.26 2.42 10.10
N ALA A 131 -8.37 1.68 10.19
CA ALA A 131 -9.44 1.82 9.21
C ALA A 131 -9.97 3.26 9.21
N ARG A 132 -9.79 3.97 10.32
CA ARG A 132 -10.26 5.36 10.39
C ARG A 132 -9.46 6.22 9.41
N TRP A 133 -8.20 5.85 9.20
CA TRP A 133 -7.35 6.59 8.28
C TRP A 133 -7.63 6.17 6.84
N THR A 134 -8.07 4.93 6.66
CA THR A 134 -8.42 4.46 5.33
C THR A 134 -9.64 5.27 4.87
N GLU A 135 -10.55 5.55 5.81
CA GLU A 135 -11.74 6.34 5.48
C GLU A 135 -11.32 7.74 5.02
N VAL A 136 -10.44 8.37 5.79
CA VAL A 136 -9.98 9.71 5.44
C VAL A 136 -9.19 9.72 4.14
N GLU A 137 -8.25 8.80 4.01
CA GLU A 137 -7.40 8.75 2.82
C GLU A 137 -8.16 8.44 1.53
N LEU A 138 -9.05 7.45 1.57
CA LEU A 138 -9.79 7.14 0.35
C LEU A 138 -10.80 8.24 0.06
N GLY A 139 -11.22 8.98 1.08
CA GLY A 139 -12.15 10.07 0.88
C GLY A 139 -11.54 11.19 0.06
N LEU A 140 -10.21 11.26 0.08
CA LEU A 140 -9.49 12.28 -0.67
C LEU A 140 -9.19 11.87 -2.11
N LEU A 141 -9.62 10.67 -2.48
CA LEU A 141 -9.38 10.13 -3.82
C LEU A 141 -10.70 9.68 -4.46
N PRO A 142 -11.60 10.63 -4.74
CA PRO A 142 -12.91 10.35 -5.34
C PRO A 142 -12.90 9.85 -6.78
N GLU A 143 -11.77 10.00 -7.47
CA GLU A 143 -11.67 9.59 -8.86
C GLU A 143 -11.21 8.14 -9.04
N VAL A 144 -10.91 7.45 -7.95
CA VAL A 144 -10.45 6.07 -8.06
C VAL A 144 -11.54 5.17 -8.64
N ARG A 145 -11.16 4.39 -9.64
CA ARG A 145 -12.07 3.47 -10.31
C ARG A 145 -11.67 2.02 -10.05
N VAL A 146 -10.39 1.79 -9.78
CA VAL A 146 -9.89 0.46 -9.53
C VAL A 146 -9.05 0.39 -8.25
N TYR A 147 -9.43 -0.54 -7.37
CA TYR A 147 -8.71 -0.75 -6.11
C TYR A 147 -8.03 -2.11 -6.22
N VAL A 148 -6.72 -2.12 -6.08
CA VAL A 148 -5.96 -3.36 -6.17
C VAL A 148 -5.48 -3.78 -4.79
N ALA A 149 -6.03 -4.87 -4.28
CA ALA A 149 -5.66 -5.40 -2.98
C ALA A 149 -4.44 -6.29 -3.09
N LEU A 150 -3.38 -5.94 -2.37
CA LEU A 150 -2.16 -6.73 -2.38
C LEU A 150 -2.19 -7.67 -1.19
N GLY A 151 -2.77 -8.85 -1.39
CA GLY A 151 -2.87 -9.83 -0.32
C GLY A 151 -4.25 -9.94 0.27
N ARG A 152 -4.49 -11.05 0.98
CA ARG A 152 -5.77 -11.33 1.60
C ARG A 152 -6.21 -10.32 2.65
N ILE A 153 -5.30 -9.92 3.54
CA ILE A 153 -5.64 -8.97 4.58
C ILE A 153 -6.03 -7.60 3.99
N ALA A 154 -5.29 -7.15 2.99
CA ALA A 154 -5.60 -5.89 2.33
C ALA A 154 -6.97 -5.97 1.68
N LEU A 155 -7.27 -7.11 1.06
CA LEU A 155 -8.57 -7.28 0.42
C LEU A 155 -9.68 -7.18 1.45
N GLU A 156 -9.52 -7.88 2.56
CA GLU A 156 -10.53 -7.87 3.62
C GLU A 156 -10.72 -6.46 4.19
N ALA A 157 -9.65 -5.68 4.22
CA ALA A 157 -9.77 -4.31 4.72
C ALA A 157 -10.63 -3.49 3.76
N LEU A 158 -10.43 -3.70 2.46
CA LEU A 158 -11.22 -2.97 1.46
C LEU A 158 -12.67 -3.43 1.50
N LEU A 159 -12.88 -4.74 1.69
CA LEU A 159 -14.24 -5.25 1.76
C LEU A 159 -14.98 -4.61 2.94
N ALA A 160 -14.30 -4.50 4.08
CA ALA A 160 -14.91 -3.90 5.26
C ALA A 160 -15.25 -2.45 4.99
N HIS A 161 -14.32 -1.74 4.34
CA HIS A 161 -14.53 -0.33 4.04
C HIS A 161 -15.76 -0.10 3.16
N PHE A 162 -16.00 -1.00 2.22
CA PHE A 162 -17.14 -0.86 1.32
C PHE A 162 -18.39 -1.64 1.73
N GLY A 163 -18.34 -2.28 2.90
CA GLY A 163 -19.49 -3.03 3.38
C GLY A 163 -19.80 -4.25 2.55
N LEU A 164 -18.75 -4.94 2.10
CA LEU A 164 -18.88 -6.14 1.27
C LEU A 164 -18.58 -7.40 2.08
N ARG A 165 -19.32 -8.47 1.78
CA ARG A 165 -19.17 -9.76 2.47
C ARG A 165 -17.91 -10.52 2.07
N LYS A 166 -17.18 -11.03 3.06
CA LYS A 166 -15.98 -11.81 2.77
C LYS A 166 -16.34 -13.03 1.93
N SER A 167 -17.44 -13.67 2.29
CA SER A 167 -17.91 -14.88 1.61
C SER A 167 -18.06 -14.73 0.10
N ALA A 168 -18.70 -13.64 -0.32
CA ALA A 168 -18.96 -13.37 -1.73
C ALA A 168 -17.81 -12.80 -2.52
N HIS A 169 -16.71 -12.48 -1.83
CA HIS A 169 -15.54 -11.91 -2.50
C HIS A 169 -14.27 -12.60 -2.00
N PRO A 170 -14.18 -13.92 -2.21
CA PRO A 170 -13.02 -14.70 -1.78
C PRO A 170 -11.69 -14.21 -2.33
N PHE A 171 -10.63 -14.42 -1.56
CA PHE A 171 -9.32 -14.00 -2.02
C PHE A 171 -8.63 -15.05 -2.87
N ARG A 172 -8.09 -14.59 -3.99
CA ARG A 172 -7.33 -15.43 -4.89
C ARG A 172 -6.63 -14.47 -5.83
N HIS A 173 -5.45 -14.86 -6.30
CA HIS A 173 -4.73 -14.00 -7.20
C HIS A 173 -5.52 -13.90 -8.49
N GLY A 174 -5.74 -12.68 -8.95
CA GLY A 174 -6.47 -12.49 -10.19
C GLY A 174 -7.97 -12.26 -10.04
N ALA A 175 -8.46 -12.28 -8.80
CA ALA A 175 -9.88 -12.08 -8.57
C ALA A 175 -10.30 -10.68 -9.03
N HIS A 176 -11.50 -10.58 -9.58
CA HIS A 176 -12.02 -9.30 -10.05
C HIS A 176 -13.49 -9.17 -9.64
N TYR A 177 -13.78 -8.13 -8.87
CA TYR A 177 -15.13 -7.88 -8.39
C TYR A 177 -15.63 -6.50 -8.79
N PRO A 178 -16.64 -6.44 -9.68
CA PRO A 178 -17.20 -5.17 -10.13
C PRO A 178 -18.04 -4.54 -9.03
N LEU A 179 -17.97 -3.22 -8.91
CA LEU A 179 -18.74 -2.49 -7.90
C LEU A 179 -19.62 -1.45 -8.58
N PRO A 180 -20.69 -1.02 -7.89
CA PRO A 180 -21.59 -0.01 -8.47
C PRO A 180 -20.86 1.26 -8.89
N GLY A 181 -21.31 1.87 -9.98
CA GLY A 181 -20.68 3.09 -10.44
C GLY A 181 -19.46 2.88 -11.31
N GLY A 182 -19.33 1.69 -11.89
CA GLY A 182 -18.20 1.41 -12.76
C GLY A 182 -16.87 1.26 -12.03
N ARG A 183 -16.92 0.86 -10.76
CA ARG A 183 -15.70 0.66 -9.98
C ARG A 183 -15.34 -0.81 -9.98
N HIS A 184 -14.10 -1.11 -9.64
CA HIS A 184 -13.60 -2.48 -9.64
C HIS A 184 -12.63 -2.77 -8.51
N LEU A 185 -12.71 -4.00 -8.01
CA LEU A 185 -11.82 -4.45 -6.96
C LEU A 185 -11.03 -5.59 -7.56
N LEU A 186 -9.71 -5.51 -7.50
CA LEU A 186 -8.84 -6.56 -8.02
C LEU A 186 -7.98 -7.09 -6.90
N ALA A 187 -7.72 -8.40 -6.92
CA ALA A 187 -6.89 -9.00 -5.88
C ALA A 187 -5.63 -9.60 -6.49
N SER A 188 -4.54 -9.45 -5.76
CA SER A 188 -3.25 -9.98 -6.19
C SER A 188 -2.56 -10.57 -4.98
N TYR A 189 -1.60 -11.48 -5.20
CA TYR A 189 -0.85 -12.02 -4.08
C TYR A 189 -0.06 -10.80 -3.60
N HIS A 190 0.29 -10.76 -2.32
CA HIS A 190 1.06 -9.62 -1.85
C HIS A 190 2.44 -9.65 -2.49
N VAL A 191 3.07 -8.48 -2.59
CA VAL A 191 4.39 -8.37 -3.21
C VAL A 191 5.50 -8.49 -2.18
N SER A 192 5.27 -9.27 -1.15
CA SER A 192 6.26 -9.50 -0.09
C SER A 192 7.38 -10.35 -0.66
N ARG A 193 8.50 -10.40 0.04
CA ARG A 193 9.65 -11.18 -0.42
C ARG A 193 9.34 -12.67 -0.52
N GLN A 194 8.51 -13.17 0.38
CA GLN A 194 8.16 -14.59 0.38
C GLN A 194 7.53 -15.02 -0.94
N ASN A 195 6.52 -14.29 -1.38
CA ASN A 195 5.84 -14.60 -2.64
C ASN A 195 6.69 -14.39 -3.88
N THR A 196 7.49 -13.33 -3.87
CA THR A 196 8.32 -13.03 -5.03
C THR A 196 9.59 -13.86 -5.15
N GLN A 197 10.16 -14.26 -4.01
CA GLN A 197 11.38 -15.07 -4.04
C GLN A 197 11.10 -16.52 -4.39
N THR A 198 9.93 -17.02 -3.99
CA THR A 198 9.55 -18.41 -4.27
C THR A 198 8.99 -18.57 -5.67
N GLY A 199 8.54 -17.46 -6.26
CA GLY A 199 7.98 -17.52 -7.60
C GLY A 199 6.47 -17.64 -7.58
N ARG A 200 5.88 -17.64 -6.39
CA ARG A 200 4.42 -17.73 -6.28
C ARG A 200 3.83 -16.59 -7.08
N LEU A 201 4.40 -15.40 -6.90
CA LEU A 201 3.96 -14.23 -7.64
C LEU A 201 5.11 -13.84 -8.57
N THR A 202 4.94 -14.08 -9.85
CA THR A 202 5.99 -13.75 -10.81
C THR A 202 5.85 -12.30 -11.26
N ARG A 203 6.89 -11.79 -11.89
CA ARG A 203 6.86 -10.42 -12.39
C ARG A 203 5.82 -10.28 -13.49
N GLU A 204 5.70 -11.31 -14.33
CA GLU A 204 4.72 -11.29 -15.41
C GLU A 204 3.30 -11.30 -14.82
N MET A 205 3.11 -12.05 -13.74
CA MET A 205 1.80 -12.13 -13.10
C MET A 205 1.38 -10.77 -12.56
N PHE A 206 2.31 -10.07 -11.91
CA PHE A 206 1.96 -8.77 -11.36
C PHE A 206 1.76 -7.74 -12.46
N LEU A 207 2.55 -7.81 -13.51
CA LEU A 207 2.40 -6.87 -14.61
C LEU A 207 1.00 -7.04 -15.21
N GLU A 208 0.53 -8.29 -15.26
CA GLU A 208 -0.80 -8.61 -15.78
C GLU A 208 -1.87 -7.91 -14.93
N VAL A 209 -1.70 -7.94 -13.62
CA VAL A 209 -2.64 -7.29 -12.72
C VAL A 209 -2.67 -5.78 -13.00
N LEU A 210 -1.49 -5.18 -13.16
CA LEU A 210 -1.41 -3.75 -13.44
C LEU A 210 -2.04 -3.40 -14.78
N MET A 211 -1.83 -4.25 -15.78
CA MET A 211 -2.40 -3.99 -17.09
C MET A 211 -3.92 -4.06 -17.02
N GLU A 212 -4.44 -4.96 -16.19
CA GLU A 212 -5.89 -5.08 -16.05
C GLU A 212 -6.42 -3.85 -15.32
N ALA A 213 -5.68 -3.38 -14.32
CA ALA A 213 -6.11 -2.19 -13.59
C ALA A 213 -6.18 -1.02 -14.55
N LYS A 214 -5.21 -0.93 -15.44
CA LYS A 214 -5.19 0.16 -16.43
C LYS A 214 -6.41 0.07 -17.33
N ARG A 215 -6.68 -1.13 -17.84
CA ARG A 215 -7.81 -1.33 -18.72
C ARG A 215 -9.13 -0.95 -18.05
N LEU A 216 -9.34 -1.47 -16.85
CA LEU A 216 -10.57 -1.20 -16.09
C LEU A 216 -10.71 0.26 -15.65
N ALA A 217 -9.59 0.97 -15.55
CA ALA A 217 -9.62 2.37 -15.13
C ALA A 217 -9.74 3.30 -16.34
N GLY A 218 -9.80 2.71 -17.52
CA GLY A 218 -9.92 3.50 -18.74
C GLY A 218 -8.62 4.16 -19.12
N LEU A 219 -7.51 3.71 -18.53
CA LEU A 219 -6.20 4.26 -18.82
C LEU A 219 -5.57 3.55 -20.02
C ACT B . 4.35 -0.23 2.66
O ACT B . 5.31 -0.96 2.37
OXT ACT B . 4.37 1.05 3.00
CH3 ACT B . 2.98 -0.89 2.65
C ACT C . -1.61 -13.62 0.46
O ACT C . -0.96 -13.23 -0.53
OXT ACT C . -2.29 -12.89 1.34
CH3 ACT C . -1.64 -15.12 0.69
FE1 SF4 D . -2.46 5.10 14.12
FE2 SF4 D . -0.34 3.69 13.23
FE3 SF4 D . -2.35 2.45 14.55
FE4 SF4 D . -2.74 3.39 12.06
S1 SF4 D . -1.32 1.75 12.67
S2 SF4 D . -4.13 3.63 13.80
S3 SF4 D . -1.49 5.27 12.09
S4 SF4 D . -0.94 4.01 15.38
OP3 DU E . 8.48 15.58 -8.78
P DU E . 7.70 16.47 -7.94
OP1 DU E . 6.68 17.21 -8.74
OP2 DU E . 8.58 17.41 -7.27
O5' DU E . 6.94 15.65 -6.83
C5' DU E . 5.53 15.78 -6.50
C4' DU E . 5.20 14.78 -5.36
O4' DU E . 3.78 14.35 -5.45
C3' DU E . 5.87 13.43 -5.54
O3' DU E . 5.85 12.80 -4.23
C2' DU E . 4.97 12.62 -6.59
C1' DU E . 3.53 13.04 -6.15
N1 DU E . 2.81 13.06 -7.49
C2 DU E . 2.54 11.80 -8.24
O2 DU E . 2.88 10.70 -7.87
N3 DU E . 1.84 12.00 -9.46
C4 DU E . 1.38 13.24 -10.03
O4 DU E . 0.78 13.23 -11.11
C5 DU E . 1.67 14.42 -9.26
C6 DU E . 2.34 14.31 -8.08
#